data_9FR4
#
_entry.id   9FR4
#
_cell.length_a   1.00
_cell.length_b   1.00
_cell.length_c   1.00
_cell.angle_alpha   90.00
_cell.angle_beta   90.00
_cell.angle_gamma   90.00
#
_symmetry.space_group_name_H-M   'P 1'
#
loop_
_entity.id
_entity.type
_entity.pdbx_description
1 polymer 'Spike glycoprotein'
2 polymer 'Nanobody 7F'
#
loop_
_entity_poly.entity_id
_entity_poly.type
_entity_poly.pdbx_seq_one_letter_code
_entity_poly.pdbx_strand_id
1 'polypeptide(L)'
;QCVNLTTRTQLPPAYTNSFTRGVYYPDKVFRSSVLHSTQDLFLPFFSNVTWFHAIHVSGTNGTKRFDNPVLPFNDGVYFA
STEKSNIIRGWIFGTTLDSKTQSLLIVNNATNVVIKVCEFQFCNDPFLGVYYHKNNKSWMESEFRVYSSANNCTFEYVSQ
PFLMDLEGKQGNFKNLREFVFKNIDGYFKIYSKHTPINLVRDLPQGFSALEPLVDLPIGINITRFQTLLALHRSYLTPGD
SSSGWTAGAAAYYVGYLQPRTFLLKYNENGTITDAVDCALDPLSETKCTLKSFTVEKGIYQTSNFRVQPTESIVRFPNIT
NLCPFGEVFDATRFASVYAWNRKRISNCVADYSVLYNSASFSTFKCYGVSPTKLNDLCFFNVYADSFVIRGDEVRQIAPG
QTGKIADYNYKLPDDFTGCVIAWNSNNLDSKVGGNYNYLYRLFRKSNLKPFERDISTEIYQAGSTPCNGVEGFNCYFPLQ
SYGFQPTNGVGYQPYRVVVLSFELLHAPATVCGPKKSTNLVKNKCVNFNFNGLTGTGVLTESNKKFLPFQQFGRDIADTT
DAVRDPQTLEILDITPCSFGGVSVITPGTNTSNEVAVLYQDVNCTEVPVAIHADQLTPTWRVYSTGSNVFQTRAGCLIGA
EHVNNSYECDIPIGAGICASYQTQTNSPAAARSVASQSIIAYTMSLGAENSVAYSNNSIAIPTNFTISVTTEILPVSMTK
TSVDCTMYICGDSTECSNLLLQYGSFCTQLNRALTGIAVEQDKNTQEVFAQVKQIYKTPPIKDFGGFNFSQILPDPSKPS
KRSFIEDLLFNKVTLADAGFIKQYGDCLGDIAARDLICAQKFNGLTVLPPLLTDEMIAQYTSALLAGTITSGWTFGAGPA
LQIPFPMQMAYRFNGIGVTQNVLYENQKLIANQFNSAIGKIQDSLSSTPSALGKLQDVVNQNAQALNTLVKQLSSNFGAI
SSVLNDILSRLDPPEAEVQIDRLITGRLQSLQTYVTQQLIRAAEIRASANLAATKMSECVLGQSKRVDFCGKGYHLMSFP
QSAPHGVVFLHVTYVPAQEKNFTTAPAICHDGKAHFPREGVFVSNGTHWFVTQRNFYEPQIITTDNTFVSGNCDVVIGIV
NNTVYDPLQPELDSFKEELDKYFKNHTSPDVDLGDISGINASVVNIQKEIDRLNEVAKNLNESLIDLQELGKYEQGSGYI
PEAPRDGQAYVRKDGEWVLLSTFLGRSLEVLFQGPGHHHHHHHHSAWSHPQFEKGGGSGGGGSGGSAWSHPQFEK
;
B,D
2 'polypeptide(L)'
;EVQLVESGGGLVEAGGSLRLSCVASGLTFSDYTMAWFRQVPGQEREFVSHIGWGGSETYYADSVKGRFTISRDNAKNAMY
LQMNELKPDDTAVYYCAADRGSSFYYVRESEYTFWGQGTQVTVSSAAAEQKLISEEDLNGAAHHHHHH
;
A,C
#
# COMPACT_ATOMS: atom_id res chain seq x y z
N ASN A 321 -14.08 13.43 41.34
CA ASN A 321 -13.62 14.21 40.21
C ASN A 321 -13.68 13.40 38.92
N LEU A 322 -14.36 13.94 37.92
CA LEU A 322 -14.54 13.26 36.66
C LEU A 322 -13.22 13.17 35.90
N CYS A 323 -13.03 12.03 35.17
CA CYS A 323 -11.82 11.86 34.39
C CYS A 323 -11.77 12.90 33.27
N PRO A 324 -10.59 13.42 32.95
CA PRO A 324 -10.50 14.47 31.94
C PRO A 324 -10.74 13.96 30.53
N PHE A 325 -11.92 14.27 29.98
CA PHE A 325 -12.25 13.95 28.60
C PHE A 325 -12.54 15.22 27.80
N GLY A 326 -12.10 16.36 28.29
CA GLY A 326 -12.25 17.61 27.57
C GLY A 326 -10.89 18.21 27.27
N GLU A 327 -9.85 17.60 27.85
CA GLU A 327 -8.48 17.95 27.52
C GLU A 327 -7.87 16.98 26.52
N VAL A 328 -8.60 15.93 26.16
CA VAL A 328 -8.18 14.97 25.15
C VAL A 328 -9.01 15.18 23.90
N PHE A 329 -10.32 15.30 24.08
CA PHE A 329 -11.24 15.45 22.96
C PHE A 329 -11.43 16.90 22.52
N ASP A 330 -11.40 17.85 23.45
CA ASP A 330 -11.61 19.26 23.13
C ASP A 330 -10.32 20.06 23.21
N ALA A 331 -9.17 19.43 22.98
CA ALA A 331 -7.90 20.14 23.05
C ALA A 331 -7.77 21.12 21.90
N THR A 332 -6.77 22.01 22.00
CA THR A 332 -6.61 23.05 21.00
C THR A 332 -5.85 22.56 19.78
N ARG A 333 -4.80 21.76 19.97
CA ARG A 333 -4.01 21.26 18.85
C ARG A 333 -3.72 19.79 19.06
N PHE A 334 -3.85 19.00 18.00
CA PHE A 334 -3.57 17.58 18.04
C PHE A 334 -2.20 17.28 17.45
N ALA A 335 -1.66 16.13 17.81
CA ALA A 335 -0.33 15.74 17.35
C ALA A 335 -0.43 14.98 16.03
N SER A 336 0.67 14.98 15.29
CA SER A 336 0.74 14.22 14.05
C SER A 336 0.65 12.73 14.36
N VAL A 337 0.26 11.95 13.35
CA VAL A 337 0.00 10.54 13.60
C VAL A 337 1.29 9.79 13.88
N TYR A 338 2.40 10.23 13.29
CA TYR A 338 3.66 9.55 13.57
C TYR A 338 4.13 9.78 14.99
N ALA A 339 4.08 11.03 15.47
CA ALA A 339 4.33 11.34 16.87
C ALA A 339 3.03 11.52 17.63
N TRP A 340 2.21 10.46 17.71
CA TRP A 340 0.92 10.56 18.37
C TRP A 340 1.08 10.81 19.87
N ASN A 341 0.01 11.29 20.50
CA ASN A 341 0.07 11.82 21.85
C ASN A 341 -0.68 10.89 22.80
N ARG A 342 0.04 10.27 23.73
CA ARG A 342 -0.55 9.34 24.68
C ARG A 342 -0.69 10.00 26.04
N LYS A 343 -1.89 9.90 26.61
CA LYS A 343 -2.19 10.45 27.94
C LYS A 343 -2.77 9.33 28.80
N ARG A 344 -2.15 9.09 29.95
CA ARG A 344 -2.61 8.05 30.86
C ARG A 344 -3.57 8.66 31.86
N ILE A 345 -4.82 8.18 31.86
CA ILE A 345 -5.86 8.64 32.76
C ILE A 345 -6.02 7.61 33.87
N SER A 346 -5.92 8.08 35.11
CA SER A 346 -6.00 7.21 36.28
C SER A 346 -6.41 8.04 37.49
N ASN A 347 -6.93 7.36 38.50
CA ASN A 347 -7.38 7.98 39.75
C ASN A 347 -8.45 9.04 39.49
N CYS A 348 -9.56 8.58 38.91
CA CYS A 348 -10.72 9.43 38.71
C CYS A 348 -11.93 8.53 38.45
N VAL A 349 -13.10 9.15 38.43
CA VAL A 349 -14.34 8.46 38.10
C VAL A 349 -14.57 8.60 36.59
N ALA A 350 -14.51 7.47 35.89
CA ALA A 350 -14.63 7.47 34.44
C ALA A 350 -16.07 7.75 34.05
N ASP A 351 -16.34 8.99 33.64
CA ASP A 351 -17.68 9.43 33.24
C ASP A 351 -17.70 9.48 31.72
N TYR A 352 -17.97 8.35 31.09
CA TYR A 352 -18.00 8.26 29.63
C TYR A 352 -19.27 8.84 29.03
N SER A 353 -20.19 9.36 29.85
CA SER A 353 -21.41 9.93 29.30
C SER A 353 -21.12 11.10 28.38
N VAL A 354 -19.98 11.77 28.57
CA VAL A 354 -19.61 12.89 27.70
C VAL A 354 -19.45 12.41 26.27
N LEU A 355 -19.12 11.13 26.07
CA LEU A 355 -19.02 10.55 24.74
C LEU A 355 -20.33 9.97 24.23
N TYR A 356 -21.35 9.84 25.09
CA TYR A 356 -22.62 9.32 24.61
C TYR A 356 -23.53 10.43 24.08
N ASN A 357 -23.41 11.64 24.62
CA ASN A 357 -24.21 12.76 24.14
C ASN A 357 -23.56 13.49 22.97
N SER A 358 -22.24 13.42 22.84
CA SER A 358 -21.54 14.12 21.76
C SER A 358 -21.97 13.57 20.41
N ALA A 359 -22.46 14.46 19.54
CA ALA A 359 -22.99 14.09 18.25
C ALA A 359 -22.06 14.45 17.09
N SER A 360 -20.78 14.69 17.36
CA SER A 360 -19.85 15.04 16.29
C SER A 360 -19.07 13.84 15.78
N PHE A 361 -18.90 12.81 16.60
CA PHE A 361 -18.07 11.68 16.21
C PHE A 361 -18.65 10.98 14.99
N SER A 362 -17.81 10.72 14.01
CA SER A 362 -18.19 9.93 12.84
C SER A 362 -17.88 8.46 13.03
N THR A 363 -17.04 8.10 14.01
CA THR A 363 -16.73 6.71 14.32
C THR A 363 -16.58 6.57 15.82
N PHE A 364 -17.35 5.65 16.41
CA PHE A 364 -17.19 5.27 17.82
C PHE A 364 -17.29 3.74 17.83
N LYS A 365 -16.16 3.06 17.74
CA LYS A 365 -16.15 1.62 17.58
C LYS A 365 -15.35 0.98 18.70
N CYS A 366 -15.97 0.09 19.46
CA CYS A 366 -15.34 -0.53 20.61
C CYS A 366 -15.05 -1.99 20.33
N TYR A 367 -13.82 -2.41 20.63
CA TYR A 367 -13.36 -3.77 20.43
C TYR A 367 -13.06 -4.38 21.79
N GLY A 368 -13.63 -5.56 22.06
CA GLY A 368 -13.45 -6.21 23.34
C GLY A 368 -14.53 -5.86 24.33
N VAL A 369 -14.71 -4.57 24.61
CA VAL A 369 -15.75 -4.12 25.52
C VAL A 369 -16.97 -3.68 24.74
N SER A 370 -18.14 -3.80 25.34
CA SER A 370 -19.32 -3.26 24.71
C SER A 370 -19.33 -1.74 24.87
N PRO A 371 -19.74 -1.00 23.85
CA PRO A 371 -19.61 0.47 23.87
C PRO A 371 -20.52 1.20 24.86
N THR A 372 -21.34 0.48 25.62
CA THR A 372 -22.15 1.09 26.65
C THR A 372 -21.80 0.60 28.04
N LYS A 373 -21.08 -0.53 28.15
CA LYS A 373 -20.66 -1.08 29.43
C LYS A 373 -19.24 -0.64 29.80
N LEU A 374 -18.85 0.57 29.38
CA LEU A 374 -17.50 1.05 29.72
C LEU A 374 -17.41 1.48 31.17
N ASN A 375 -18.52 1.89 31.76
CA ASN A 375 -18.55 2.32 33.16
C ASN A 375 -18.53 1.13 34.12
N ASP A 376 -19.13 0.02 33.73
CA ASP A 376 -19.32 -1.09 34.67
C ASP A 376 -17.99 -1.69 35.11
N LEU A 377 -17.01 -1.78 34.21
CA LEU A 377 -15.75 -2.39 34.56
C LEU A 377 -14.78 -1.35 35.13
N CYS A 378 -13.98 -1.78 36.10
CA CYS A 378 -13.00 -0.92 36.74
C CYS A 378 -11.62 -1.32 36.26
N PHE A 379 -10.92 -0.38 35.63
CA PHE A 379 -9.63 -0.62 35.02
C PHE A 379 -8.55 0.17 35.76
N PHE A 380 -7.31 -0.30 35.62
CA PHE A 380 -6.17 0.35 36.26
C PHE A 380 -5.81 1.68 35.57
N ASN A 381 -5.72 1.68 34.24
CA ASN A 381 -5.40 2.87 33.49
C ASN A 381 -6.22 2.92 32.21
N VAL A 382 -6.46 4.13 31.71
CA VAL A 382 -7.05 4.34 30.40
C VAL A 382 -6.10 5.21 29.60
N TYR A 383 -5.51 4.64 28.56
CA TYR A 383 -4.57 5.38 27.72
C TYR A 383 -5.32 5.97 26.53
N ALA A 384 -5.31 7.29 26.43
CA ALA A 384 -5.94 8.00 25.31
C ALA A 384 -4.84 8.43 24.35
N ASP A 385 -4.84 7.84 23.16
CA ASP A 385 -3.86 8.15 22.13
C ASP A 385 -4.55 9.01 21.07
N SER A 386 -4.12 10.26 20.94
CA SER A 386 -4.74 11.22 20.05
C SER A 386 -3.79 11.57 18.91
N PHE A 387 -4.36 11.72 17.72
CA PHE A 387 -3.61 12.14 16.53
C PHE A 387 -4.59 12.60 15.47
N VAL A 388 -4.05 12.99 14.32
CA VAL A 388 -4.84 13.49 13.20
C VAL A 388 -4.41 12.76 11.93
N ILE A 389 -5.38 12.15 11.24
CA ILE A 389 -5.10 11.46 9.98
C ILE A 389 -6.06 11.98 8.93
N ARG A 390 -6.06 11.38 7.75
CA ARG A 390 -6.98 11.73 6.70
C ARG A 390 -8.24 10.89 6.82
N GLY A 391 -9.26 11.22 6.03
CA GLY A 391 -10.49 10.50 6.08
C GLY A 391 -10.47 9.13 5.46
N ASP A 392 -9.58 8.90 4.50
CA ASP A 392 -9.42 7.61 3.84
C ASP A 392 -8.84 6.55 4.76
N GLU A 393 -8.07 6.95 5.75
CA GLU A 393 -7.32 6.01 6.57
C GLU A 393 -7.80 5.96 8.01
N VAL A 394 -9.01 6.43 8.31
CA VAL A 394 -9.61 6.21 9.61
C VAL A 394 -9.99 4.74 9.78
N ARG A 395 -10.21 4.02 8.68
CA ARG A 395 -10.52 2.61 8.76
C ARG A 395 -9.30 1.76 9.06
N GLN A 396 -8.10 2.32 8.92
CA GLN A 396 -6.88 1.61 9.26
C GLN A 396 -6.58 1.64 10.75
N ILE A 397 -7.49 2.19 11.56
CA ILE A 397 -7.33 2.16 13.01
C ILE A 397 -8.28 1.11 13.56
N ALA A 398 -7.81 -0.13 13.64
CA ALA A 398 -8.61 -1.27 14.06
C ALA A 398 -7.69 -2.48 14.16
N PRO A 399 -8.05 -3.47 14.97
CA PRO A 399 -7.21 -4.67 15.07
C PRO A 399 -7.17 -5.44 13.76
N GLY A 400 -5.97 -5.78 13.32
CA GLY A 400 -5.79 -6.54 12.09
C GLY A 400 -6.03 -5.73 10.83
N GLN A 401 -5.31 -4.61 10.70
CA GLN A 401 -5.42 -3.75 9.54
C GLN A 401 -4.03 -3.50 8.96
N THR A 402 -3.99 -3.15 7.68
CA THR A 402 -2.75 -2.87 6.98
C THR A 402 -2.90 -1.59 6.16
N GLY A 403 -1.77 -0.97 5.90
CA GLY A 403 -1.76 0.28 5.16
C GLY A 403 -0.49 1.05 5.50
N LYS A 404 -0.58 2.36 5.34
CA LYS A 404 0.53 3.23 5.72
C LYS A 404 0.38 3.79 7.12
N ILE A 405 -0.84 3.80 7.67
CA ILE A 405 -1.11 4.33 8.99
C ILE A 405 -1.40 3.17 9.94
N ALA A 406 -1.09 1.96 9.50
CA ALA A 406 -1.46 0.78 10.28
C ALA A 406 -0.27 -0.12 10.55
N ASP A 407 0.86 0.14 9.89
CA ASP A 407 2.07 -0.62 10.19
C ASP A 407 3.29 0.29 10.22
N TYR A 408 3.11 1.56 9.90
CA TYR A 408 4.20 2.52 9.95
C TYR A 408 3.97 3.66 10.93
N ASN A 409 2.73 3.98 11.27
CA ASN A 409 2.43 5.10 12.15
C ASN A 409 1.77 4.65 13.44
N TYR A 410 0.69 3.89 13.38
CA TYR A 410 -0.04 3.49 14.58
C TYR A 410 -0.60 2.08 14.39
N LYS A 411 -0.13 1.15 15.22
CA LYS A 411 -0.53 -0.25 15.14
C LYS A 411 -1.27 -0.65 16.40
N LEU A 412 -2.45 -1.27 16.21
CA LEU A 412 -3.27 -1.83 17.29
C LEU A 412 -3.10 -3.34 17.34
N PRO A 413 -3.12 -3.94 18.54
CA PRO A 413 -2.92 -5.39 18.64
C PRO A 413 -4.09 -6.16 18.06
N ASP A 414 -3.87 -7.45 17.82
CA ASP A 414 -4.90 -8.33 17.32
C ASP A 414 -5.96 -8.64 18.38
N ASP A 415 -5.62 -8.51 19.66
CA ASP A 415 -6.57 -8.67 20.76
C ASP A 415 -6.62 -7.34 21.51
N PHE A 416 -7.47 -6.46 21.04
CA PHE A 416 -7.54 -5.08 21.51
C PHE A 416 -8.79 -4.90 22.36
N THR A 417 -8.61 -4.27 23.52
CA THR A 417 -9.71 -3.94 24.42
C THR A 417 -9.75 -2.43 24.57
N GLY A 418 -10.62 -1.78 23.81
CA GLY A 418 -10.66 -0.33 23.83
C GLY A 418 -11.73 0.18 22.88
N CYS A 419 -11.63 1.47 22.57
CA CYS A 419 -12.57 2.14 21.70
C CYS A 419 -11.88 3.21 20.87
N VAL A 420 -12.16 3.23 19.57
CA VAL A 420 -11.62 4.22 18.65
C VAL A 420 -12.72 5.23 18.36
N ILE A 421 -12.40 6.52 18.50
CA ILE A 421 -13.33 7.61 18.26
C ILE A 421 -12.69 8.55 17.26
N ALA A 422 -13.44 8.91 16.21
CA ALA A 422 -12.91 9.72 15.13
C ALA A 422 -13.97 10.69 14.66
N TRP A 423 -13.58 11.96 14.51
CA TRP A 423 -14.50 12.99 14.05
C TRP A 423 -13.81 13.95 13.11
N ASN A 424 -14.60 14.55 12.22
CA ASN A 424 -14.08 15.43 11.19
C ASN A 424 -13.70 16.78 11.78
N SER A 425 -12.48 17.23 11.50
CA SER A 425 -12.00 18.51 12.00
C SER A 425 -11.46 19.37 10.87
N ASN A 426 -12.23 19.50 9.78
CA ASN A 426 -11.79 20.33 8.68
C ASN A 426 -11.74 21.80 9.07
N ASN A 427 -12.60 22.22 9.99
CA ASN A 427 -12.67 23.62 10.38
C ASN A 427 -11.63 24.00 11.43
N LEU A 428 -10.78 23.07 11.84
CA LEU A 428 -9.75 23.36 12.84
C LEU A 428 -8.37 23.13 12.27
N ASP A 429 -8.22 22.13 11.40
CA ASP A 429 -6.92 21.68 10.94
C ASP A 429 -6.59 22.04 9.50
N SER A 430 -7.48 22.75 8.80
CA SER A 430 -7.25 23.12 7.42
C SER A 430 -7.36 24.62 7.25
N LYS A 431 -6.27 25.23 6.78
CA LYS A 431 -6.20 26.66 6.54
C LYS A 431 -6.08 26.90 5.03
N VAL A 432 -6.17 28.15 4.64
CA VAL A 432 -6.07 28.53 3.23
C VAL A 432 -4.64 28.29 2.76
N GLY A 433 -4.52 27.72 1.56
CA GLY A 433 -3.23 27.38 1.00
C GLY A 433 -2.62 26.10 1.53
N GLY A 434 -3.22 25.48 2.54
CA GLY A 434 -2.74 24.20 3.04
C GLY A 434 -2.11 24.27 4.41
N ASN A 435 -2.46 23.31 5.27
CA ASN A 435 -1.86 23.17 6.59
C ASN A 435 -0.92 21.97 6.52
N TYR A 436 0.36 22.26 6.29
CA TYR A 436 1.39 21.23 6.14
C TYR A 436 2.12 20.93 7.44
N ASN A 437 1.44 21.09 8.58
CA ASN A 437 2.02 20.83 9.88
C ASN A 437 1.75 19.43 10.38
N TYR A 438 0.94 18.64 9.68
CA TYR A 438 0.59 17.29 10.08
C TYR A 438 1.33 16.31 9.17
N LEU A 439 2.33 15.62 9.73
CA LEU A 439 3.17 14.72 8.99
C LEU A 439 2.77 13.28 9.24
N TYR A 440 3.17 12.38 8.34
CA TYR A 440 2.98 10.96 8.54
C TYR A 440 4.18 10.22 7.97
N ARG A 441 4.50 9.09 8.58
CA ARG A 441 5.64 8.28 8.12
C ARG A 441 5.24 7.46 6.91
N LEU A 442 5.98 7.63 5.82
CA LEU A 442 5.70 6.93 4.57
C LEU A 442 6.59 5.71 4.36
N PHE A 443 7.81 5.74 4.87
CA PHE A 443 8.78 4.68 4.66
C PHE A 443 9.31 4.20 6.00
N ARG A 444 9.45 2.88 6.14
CA ARG A 444 10.01 2.29 7.34
C ARG A 444 10.50 0.88 7.00
N LYS A 445 11.60 0.49 7.65
CA LYS A 445 12.21 -0.81 7.36
C LYS A 445 11.29 -1.96 7.71
N SER A 446 10.61 -1.89 8.86
CA SER A 446 9.78 -3.00 9.32
C SER A 446 8.51 -2.41 9.93
N ASN A 447 7.48 -3.25 10.00
CA ASN A 447 6.18 -2.83 10.49
C ASN A 447 6.24 -2.58 11.99
N LEU A 448 5.45 -1.61 12.46
CA LEU A 448 5.45 -1.26 13.88
C LEU A 448 4.86 -2.39 14.70
N LYS A 449 5.40 -2.57 15.90
CA LYS A 449 4.73 -3.48 16.81
C LYS A 449 3.60 -2.73 17.53
N PRO A 450 2.59 -3.45 18.01
CA PRO A 450 1.42 -2.79 18.59
C PRO A 450 1.79 -1.76 19.66
N PHE A 451 1.21 -0.57 19.52
CA PHE A 451 1.36 0.52 20.50
C PHE A 451 2.80 1.00 20.60
N GLU A 452 3.49 1.02 19.47
CA GLU A 452 4.82 1.57 19.36
C GLU A 452 4.78 2.84 18.51
N ARG A 453 5.61 3.82 18.87
CA ARG A 453 5.73 5.05 18.10
C ARG A 453 7.18 5.22 17.65
N ASP A 454 7.36 5.86 16.50
CA ASP A 454 8.66 6.15 15.95
C ASP A 454 8.74 7.62 15.55
N ILE A 455 9.65 8.34 16.18
CA ILE A 455 9.78 9.78 15.94
C ILE A 455 11.12 10.08 15.28
N SER A 456 11.77 9.05 14.77
CA SER A 456 13.05 9.24 14.09
C SER A 456 12.82 9.84 12.70
N THR A 457 13.73 10.72 12.30
CA THR A 457 13.71 11.31 10.98
C THR A 457 14.92 10.92 10.13
N GLU A 458 15.51 9.75 10.39
CA GLU A 458 16.68 9.32 9.64
C GLU A 458 16.30 9.03 8.19
N ILE A 459 17.27 9.20 7.29
CA ILE A 459 17.01 9.02 5.86
C ILE A 459 16.76 7.56 5.56
N TYR A 460 15.73 7.28 4.76
CA TYR A 460 15.35 5.92 4.42
C TYR A 460 16.20 5.44 3.24
N GLN A 461 16.97 4.38 3.47
CA GLN A 461 17.75 3.75 2.40
C GLN A 461 16.85 2.81 1.63
N ALA A 462 16.24 3.32 0.56
CA ALA A 462 15.34 2.53 -0.27
C ALA A 462 16.03 1.86 -1.44
N GLY A 463 17.33 2.11 -1.64
CA GLY A 463 18.05 1.48 -2.72
C GLY A 463 19.02 0.42 -2.26
N SER A 464 20.29 0.55 -2.67
CA SER A 464 21.30 -0.43 -2.33
C SER A 464 22.60 0.25 -1.90
N THR A 465 22.61 1.58 -1.87
CA THR A 465 23.77 2.35 -1.48
C THR A 465 23.45 3.11 -0.21
N PRO A 466 24.28 3.00 0.83
CA PRO A 466 24.02 3.72 2.09
C PRO A 466 23.88 5.23 1.90
N CYS A 467 22.93 5.83 2.62
CA CYS A 467 22.63 7.24 2.44
C CYS A 467 23.57 8.13 3.25
N ASN A 468 23.67 7.87 4.55
CA ASN A 468 24.47 8.67 5.48
C ASN A 468 23.97 10.12 5.51
N GLY A 469 22.65 10.26 5.55
CA GLY A 469 22.00 11.55 5.71
C GLY A 469 22.30 12.56 4.64
N VAL A 470 21.96 12.25 3.39
CA VAL A 470 22.15 13.21 2.29
C VAL A 470 20.82 13.45 1.59
N GLU A 471 19.92 12.47 1.65
CA GLU A 471 18.58 12.57 1.06
C GLU A 471 18.63 12.87 -0.44
N GLY A 472 19.17 11.94 -1.24
CA GLY A 472 19.26 12.11 -2.67
C GLY A 472 18.43 11.11 -3.44
N PHE A 473 19.08 10.46 -4.40
CA PHE A 473 18.43 9.43 -5.21
C PHE A 473 18.40 8.12 -4.45
N ASN A 474 17.23 7.50 -4.38
CA ASN A 474 16.99 6.28 -3.61
C ASN A 474 17.31 6.46 -2.13
N CYS A 475 17.18 7.69 -1.62
CA CYS A 475 17.36 7.99 -0.21
C CYS A 475 16.32 9.05 0.15
N TYR A 476 15.17 8.61 0.63
CA TYR A 476 14.01 9.47 0.83
C TYR A 476 13.85 9.86 2.28
N PHE A 477 13.39 11.08 2.51
CA PHE A 477 12.98 11.52 3.83
C PHE A 477 11.61 10.92 4.16
N PRO A 478 11.47 10.21 5.28
CA PRO A 478 10.26 9.40 5.49
C PRO A 478 9.01 10.23 5.76
N LEU A 479 9.15 11.28 6.55
CA LEU A 479 8.02 12.06 7.02
C LEU A 479 7.46 12.91 5.89
N GLN A 480 6.32 12.50 5.35
CA GLN A 480 5.64 13.24 4.30
C GLN A 480 4.50 14.05 4.88
N SER A 481 4.29 15.25 4.35
CA SER A 481 3.34 16.18 4.91
C SER A 481 1.92 15.88 4.41
N TYR A 482 0.94 16.50 5.07
CA TYR A 482 -0.46 16.40 4.72
C TYR A 482 -0.92 17.70 4.09
N GLY A 483 -1.47 17.63 2.89
CA GLY A 483 -1.99 18.80 2.23
C GLY A 483 -3.44 19.08 2.57
N PHE A 484 -3.70 19.55 3.78
CA PHE A 484 -5.06 19.79 4.23
C PHE A 484 -5.50 21.19 3.81
N GLN A 485 -6.58 21.26 3.02
CA GLN A 485 -7.16 22.51 2.56
C GLN A 485 -8.67 22.42 2.73
N PRO A 486 -9.35 23.55 2.90
CA PRO A 486 -10.80 23.52 3.14
C PRO A 486 -11.62 23.08 1.94
N THR A 487 -11.01 22.90 0.77
CA THR A 487 -11.73 22.53 -0.44
C THR A 487 -11.73 21.04 -0.71
N ASN A 488 -10.95 20.26 0.03
CA ASN A 488 -10.84 18.83 -0.20
C ASN A 488 -12.19 18.14 0.00
N GLY A 489 -12.30 16.95 -0.56
CA GLY A 489 -13.46 16.12 -0.31
C GLY A 489 -13.53 15.69 1.14
N VAL A 490 -14.73 15.28 1.55
CA VAL A 490 -14.93 14.89 2.94
C VAL A 490 -14.10 13.66 3.27
N GLY A 491 -13.65 12.92 2.25
CA GLY A 491 -12.77 11.80 2.48
C GLY A 491 -11.30 12.14 2.46
N TYR A 492 -10.96 13.38 2.12
CA TYR A 492 -9.59 13.84 2.08
C TYR A 492 -9.32 14.95 3.11
N GLN A 493 -10.22 15.12 4.06
CA GLN A 493 -10.14 16.16 5.06
C GLN A 493 -9.60 15.61 6.37
N PRO A 494 -9.06 16.46 7.25
CA PRO A 494 -8.40 15.96 8.46
C PRO A 494 -9.42 15.45 9.48
N TYR A 495 -9.20 14.21 9.93
CA TYR A 495 -10.02 13.59 10.97
C TYR A 495 -9.18 13.44 12.23
N ARG A 496 -9.72 13.91 13.35
CA ARG A 496 -9.08 13.76 14.65
C ARG A 496 -9.50 12.43 15.25
N VAL A 497 -8.54 11.68 15.77
CA VAL A 497 -8.76 10.32 16.26
C VAL A 497 -8.22 10.22 17.68
N VAL A 498 -8.99 9.54 18.54
CA VAL A 498 -8.67 9.30 19.94
C VAL A 498 -8.96 7.84 20.23
N VAL A 499 -7.94 7.09 20.62
CA VAL A 499 -8.04 5.67 20.91
C VAL A 499 -7.91 5.49 22.41
N LEU A 500 -8.98 5.05 23.06
CA LEU A 500 -8.98 4.77 24.49
C LEU A 500 -8.73 3.28 24.67
N SER A 501 -7.54 2.92 25.11
CA SER A 501 -7.19 1.56 25.43
C SER A 501 -7.28 1.36 26.94
N PHE A 502 -8.03 0.35 27.37
CA PHE A 502 -8.26 0.07 28.77
C PHE A 502 -7.25 -0.97 29.24
N GLU A 503 -6.33 -0.56 30.12
CA GLU A 503 -5.27 -1.43 30.61
C GLU A 503 -5.57 -1.80 32.05
N LEU A 504 -5.72 -3.10 32.30
CA LEU A 504 -6.02 -3.63 33.63
C LEU A 504 -4.91 -4.59 34.03
N LEU A 505 -4.27 -4.31 35.16
CA LEU A 505 -3.25 -5.20 35.72
C LEU A 505 -3.49 -5.34 37.22
N HIS A 506 -2.81 -6.32 37.82
CA HIS A 506 -3.01 -6.60 39.24
C HIS A 506 -2.43 -5.46 40.07
N ALA A 507 -3.30 -4.55 40.49
CA ALA A 507 -2.97 -3.35 41.24
C ALA A 507 -4.28 -2.67 41.64
N PRO A 508 -4.27 -1.69 42.55
CA PRO A 508 -5.52 -0.99 42.87
C PRO A 508 -6.17 -0.38 41.65
N GLN B 3 -17.90 -13.97 0.89
CA GLN B 3 -17.69 -13.49 2.25
C GLN B 3 -18.89 -13.81 3.14
N LEU B 4 -19.94 -13.02 3.01
CA LEU B 4 -21.15 -13.18 3.82
C LEU B 4 -22.27 -13.72 2.94
N VAL B 5 -22.47 -15.03 2.98
CA VAL B 5 -23.55 -15.67 2.26
C VAL B 5 -24.80 -15.57 3.12
N GLU B 6 -25.97 -15.59 2.48
CA GLU B 6 -27.20 -15.54 3.24
C GLU B 6 -28.27 -16.36 2.54
N SER B 7 -29.22 -16.85 3.32
CA SER B 7 -30.29 -17.69 2.82
C SER B 7 -31.59 -17.31 3.51
N GLY B 8 -32.68 -17.84 2.99
CA GLY B 8 -34.01 -17.50 3.47
C GLY B 8 -34.59 -16.33 2.70
N GLY B 9 -35.90 -16.13 2.90
CA GLY B 9 -36.60 -15.09 2.18
C GLY B 9 -37.44 -15.65 1.04
N GLY B 10 -38.57 -15.00 0.77
CA GLY B 10 -39.49 -15.49 -0.23
C GLY B 10 -40.91 -15.11 0.14
N LEU B 11 -41.82 -15.36 -0.81
CA LEU B 11 -43.22 -15.02 -0.62
C LEU B 11 -43.77 -15.74 0.59
N VAL B 12 -44.47 -15.00 1.46
CA VAL B 12 -45.07 -15.56 2.65
C VAL B 12 -46.57 -15.40 2.56
N GLU B 13 -47.30 -16.00 3.49
CA GLU B 13 -48.76 -15.93 3.52
C GLU B 13 -49.28 -14.82 4.40
N ALA B 14 -48.47 -13.77 4.65
CA ALA B 14 -48.89 -12.55 5.32
C ALA B 14 -49.47 -12.80 6.70
N GLY B 15 -48.64 -13.29 7.61
CA GLY B 15 -49.09 -13.58 8.97
C GLY B 15 -48.40 -14.78 9.57
N GLY B 16 -47.79 -15.60 8.73
CA GLY B 16 -46.99 -16.72 9.19
C GLY B 16 -45.65 -16.26 9.70
N SER B 17 -44.61 -17.06 9.51
CA SER B 17 -43.28 -16.71 9.99
C SER B 17 -42.29 -16.82 8.83
N LEU B 18 -41.03 -16.56 9.15
CA LEU B 18 -39.93 -16.70 8.21
C LEU B 18 -38.64 -16.69 9.01
N ARG B 19 -37.56 -17.14 8.37
CA ARG B 19 -36.26 -17.23 9.03
C ARG B 19 -35.18 -16.89 8.02
N LEU B 20 -34.58 -15.72 8.15
CA LEU B 20 -33.41 -15.38 7.36
C LEU B 20 -32.17 -15.84 8.10
N SER B 21 -31.15 -16.23 7.35
CA SER B 21 -29.91 -16.71 7.95
C SER B 21 -28.73 -16.14 7.18
N CYS B 22 -27.61 -16.01 7.87
CA CYS B 22 -26.43 -15.36 7.30
C CYS B 22 -25.19 -16.10 7.79
N VAL B 23 -24.48 -16.72 6.87
CA VAL B 23 -23.27 -17.50 7.17
C VAL B 23 -22.05 -16.71 6.72
N ALA B 24 -20.98 -16.80 7.50
CA ALA B 24 -19.70 -16.21 7.15
C ALA B 24 -18.72 -17.30 6.78
N SER B 25 -17.88 -17.02 5.77
CA SER B 25 -17.05 -18.06 5.18
C SER B 25 -15.59 -17.66 5.08
N GLY B 26 -15.21 -16.53 5.65
CA GLY B 26 -13.83 -16.10 5.57
C GLY B 26 -13.31 -15.43 6.82
N LEU B 27 -14.06 -15.51 7.91
CA LEU B 27 -13.74 -14.81 9.14
C LEU B 27 -14.02 -15.72 10.33
N THR B 28 -13.53 -15.31 11.50
CA THR B 28 -13.58 -16.17 12.68
C THR B 28 -14.99 -16.32 13.22
N PHE B 29 -15.81 -15.28 13.13
CA PHE B 29 -17.20 -15.28 13.58
C PHE B 29 -17.28 -15.44 15.11
N SER B 30 -16.14 -15.27 15.75
CA SER B 30 -16.07 -15.26 17.21
C SER B 30 -15.59 -13.89 17.67
N ASP B 31 -15.12 -13.09 16.72
CA ASP B 31 -14.67 -11.73 16.99
C ASP B 31 -15.48 -10.70 16.22
N TYR B 32 -16.55 -11.12 15.55
CA TYR B 32 -17.27 -10.25 14.63
C TYR B 32 -18.70 -10.02 15.13
N THR B 33 -19.06 -8.76 15.24
CA THR B 33 -20.38 -8.32 15.67
C THR B 33 -21.27 -8.15 14.46
N MET B 34 -22.47 -8.74 14.50
CA MET B 34 -23.30 -8.84 13.31
C MET B 34 -24.52 -7.93 13.41
N ALA B 35 -25.17 -7.73 12.25
CA ALA B 35 -26.36 -6.89 12.20
C ALA B 35 -27.15 -7.23 10.95
N TRP B 36 -28.42 -6.81 10.95
CA TRP B 36 -29.34 -6.99 9.84
C TRP B 36 -29.94 -5.64 9.48
N PHE B 37 -29.85 -5.27 8.21
CA PHE B 37 -30.46 -4.06 7.67
C PHE B 37 -31.50 -4.45 6.63
N ARG B 38 -32.37 -3.51 6.28
CA ARG B 38 -33.35 -3.75 5.23
C ARG B 38 -33.49 -2.50 4.36
N GLN B 39 -33.55 -2.72 3.05
CA GLN B 39 -33.63 -1.66 2.05
C GLN B 39 -34.80 -1.92 1.12
N VAL B 40 -35.65 -0.92 0.94
CA VAL B 40 -36.76 -0.97 -0.01
C VAL B 40 -36.45 0.02 -1.13
N PRO B 41 -36.72 -0.34 -2.39
CA PRO B 41 -36.46 0.61 -3.48
C PRO B 41 -37.32 1.86 -3.36
N GLY B 42 -36.66 3.02 -3.41
CA GLY B 42 -37.32 4.30 -3.25
C GLY B 42 -37.13 4.94 -1.90
N GLN B 43 -36.46 4.27 -0.97
CA GLN B 43 -36.21 4.82 0.36
C GLN B 43 -34.85 4.33 0.83
N GLU B 44 -34.29 5.04 1.81
CA GLU B 44 -32.98 4.70 2.34
C GLU B 44 -33.01 3.34 3.04
N ARG B 45 -31.82 2.80 3.28
CA ARG B 45 -31.70 1.49 3.91
C ARG B 45 -31.98 1.60 5.41
N GLU B 46 -32.93 0.80 5.88
CA GLU B 46 -33.34 0.82 7.27
C GLU B 46 -32.52 -0.17 8.08
N PHE B 47 -32.60 -0.02 9.40
CA PHE B 47 -31.88 -0.86 10.34
C PHE B 47 -32.86 -1.82 11.00
N VAL B 48 -32.51 -3.11 11.00
CA VAL B 48 -33.43 -4.13 11.52
C VAL B 48 -32.99 -4.55 12.93
N SER B 49 -31.78 -5.07 13.05
CA SER B 49 -31.34 -5.55 14.36
C SER B 49 -29.82 -5.62 14.41
N HIS B 50 -29.31 -5.94 15.59
CA HIS B 50 -27.88 -5.94 15.85
C HIS B 50 -27.59 -6.91 16.98
N ILE B 51 -26.48 -7.63 16.90
CA ILE B 51 -26.10 -8.57 17.94
C ILE B 51 -24.58 -8.64 18.07
N GLY B 52 -24.08 -8.33 19.27
CA GLY B 52 -22.66 -8.32 19.51
C GLY B 52 -22.10 -9.72 19.65
N TRP B 53 -20.86 -9.78 20.14
CA TRP B 53 -20.22 -11.06 20.38
C TRP B 53 -20.97 -11.85 21.44
N GLY B 54 -20.77 -13.16 21.44
CA GLY B 54 -21.43 -14.01 22.40
C GLY B 54 -22.91 -14.20 22.12
N GLY B 55 -23.65 -13.10 22.08
CA GLY B 55 -25.06 -13.13 21.74
C GLY B 55 -25.99 -12.58 22.80
N SER B 56 -25.51 -12.25 24.00
CA SER B 56 -26.39 -11.74 25.06
C SER B 56 -26.72 -10.27 24.90
N GLU B 57 -26.11 -9.58 23.94
CA GLU B 57 -26.30 -8.15 23.74
C GLU B 57 -26.94 -7.92 22.38
N THR B 58 -28.27 -7.88 22.36
CA THR B 58 -29.03 -7.72 21.13
C THR B 58 -29.86 -6.45 21.18
N TYR B 59 -29.97 -5.78 20.03
CA TYR B 59 -30.78 -4.58 19.88
C TYR B 59 -31.65 -4.72 18.65
N TYR B 60 -32.83 -4.11 18.69
CA TYR B 60 -33.77 -4.16 17.58
C TYR B 60 -34.24 -2.75 17.25
N ALA B 61 -34.78 -2.61 16.04
CA ALA B 61 -35.37 -1.34 15.62
C ALA B 61 -36.64 -1.06 16.42
N ASP B 62 -37.07 0.20 16.38
CA ASP B 62 -38.25 0.64 17.10
C ASP B 62 -39.54 0.38 16.33
N SER B 63 -39.52 -0.49 15.33
CA SER B 63 -40.71 -0.83 14.57
C SER B 63 -40.91 -2.34 14.54
N VAL B 64 -39.86 -3.09 14.87
CA VAL B 64 -39.91 -4.55 14.86
C VAL B 64 -39.59 -5.12 16.23
N LYS B 65 -39.71 -4.32 17.28
CA LYS B 65 -39.44 -4.79 18.63
C LYS B 65 -40.48 -5.83 19.03
N GLY B 66 -40.01 -6.96 19.55
CA GLY B 66 -40.89 -8.02 19.99
C GLY B 66 -41.21 -9.03 18.92
N ARG B 67 -41.30 -8.58 17.66
CA ARG B 67 -41.63 -9.50 16.57
C ARG B 67 -40.43 -10.34 16.18
N PHE B 68 -39.36 -9.71 15.72
CA PHE B 68 -38.18 -10.41 15.22
C PHE B 68 -37.31 -10.86 16.38
N THR B 69 -36.66 -12.00 16.20
CA THR B 69 -35.73 -12.56 17.17
C THR B 69 -34.39 -12.80 16.50
N ILE B 70 -33.38 -12.09 16.95
CA ILE B 70 -32.03 -12.23 16.41
C ILE B 70 -31.27 -13.24 17.26
N SER B 71 -30.38 -13.98 16.61
CA SER B 71 -29.57 -14.95 17.34
C SER B 71 -28.34 -15.29 16.51
N ARG B 72 -27.37 -15.91 17.15
CA ARG B 72 -26.17 -16.34 16.44
C ARG B 72 -25.69 -17.67 17.01
N ASP B 73 -25.09 -18.48 16.14
CA ASP B 73 -24.52 -19.77 16.51
C ASP B 73 -23.13 -19.86 15.90
N ASN B 74 -22.14 -20.19 16.72
CA ASN B 74 -20.74 -20.21 16.32
C ASN B 74 -20.29 -21.59 15.86
N ALA B 75 -21.04 -22.63 16.17
CA ALA B 75 -20.69 -23.98 15.76
C ALA B 75 -20.79 -24.19 14.25
N LYS B 76 -21.47 -23.29 13.54
CA LYS B 76 -21.50 -23.37 12.08
C LYS B 76 -21.31 -22.00 11.44
N ASN B 77 -20.95 -20.98 12.22
CA ASN B 77 -20.70 -19.62 11.74
C ASN B 77 -21.94 -19.05 11.05
N ALA B 78 -22.99 -18.89 11.84
CA ALA B 78 -24.25 -18.40 11.29
C ALA B 78 -24.94 -17.46 12.27
N MET B 79 -25.77 -16.59 11.70
CA MET B 79 -26.70 -15.76 12.46
C MET B 79 -28.09 -15.93 11.85
N TYR B 80 -29.12 -15.66 12.65
CA TYR B 80 -30.49 -15.89 12.22
C TYR B 80 -31.36 -14.74 12.67
N LEU B 81 -32.22 -14.28 11.77
CA LEU B 81 -33.29 -13.34 12.06
C LEU B 81 -34.60 -14.09 11.86
N GLN B 82 -35.26 -14.44 12.98
CA GLN B 82 -36.53 -15.14 12.94
C GLN B 82 -37.64 -14.11 12.97
N MET B 83 -38.31 -13.93 11.83
CA MET B 83 -39.42 -13.00 11.74
C MET B 83 -40.73 -13.73 11.97
N ASN B 84 -41.66 -13.07 12.69
CA ASN B 84 -42.83 -13.78 13.19
C ASN B 84 -44.17 -13.13 12.84
N GLU B 85 -44.18 -11.89 12.34
CA GLU B 85 -45.45 -11.28 11.98
C GLU B 85 -45.54 -11.07 10.47
N LEU B 86 -44.56 -10.37 9.90
CA LEU B 86 -44.50 -10.08 8.48
C LEU B 86 -45.75 -9.35 8.01
N LYS B 87 -45.99 -8.15 8.53
CA LYS B 87 -47.01 -7.25 8.02
C LYS B 87 -46.72 -6.89 6.56
N PRO B 88 -47.72 -6.39 5.82
CA PRO B 88 -47.49 -6.13 4.38
C PRO B 88 -46.62 -4.92 4.11
N ASP B 89 -46.00 -4.36 5.14
CA ASP B 89 -45.16 -3.19 4.98
C ASP B 89 -43.68 -3.45 5.21
N ASP B 90 -43.29 -4.68 5.56
CA ASP B 90 -41.88 -4.99 5.76
C ASP B 90 -41.29 -5.83 4.63
N THR B 91 -41.94 -5.86 3.46
CA THR B 91 -41.36 -6.51 2.30
C THR B 91 -40.22 -5.66 1.73
N ALA B 92 -39.00 -6.17 1.81
CA ALA B 92 -37.84 -5.43 1.34
C ALA B 92 -36.66 -6.36 1.22
N VAL B 93 -35.57 -5.86 0.64
CA VAL B 93 -34.31 -6.58 0.60
C VAL B 93 -33.69 -6.55 1.99
N TYR B 94 -33.05 -7.65 2.38
CA TYR B 94 -32.49 -7.76 3.72
C TYR B 94 -31.01 -8.10 3.62
N TYR B 95 -30.17 -7.23 4.17
CA TYR B 95 -28.73 -7.37 4.11
C TYR B 95 -28.18 -7.77 5.48
N CYS B 96 -27.11 -8.56 5.46
CA CYS B 96 -26.41 -8.99 6.66
C CYS B 96 -25.04 -8.33 6.70
N ALA B 97 -24.71 -7.72 7.84
CA ALA B 97 -23.48 -6.98 7.98
C ALA B 97 -22.67 -7.53 9.15
N ALA B 98 -21.35 -7.37 9.07
CA ALA B 98 -20.45 -7.87 10.10
C ALA B 98 -19.27 -6.93 10.24
N ASP B 99 -18.97 -6.53 11.47
CA ASP B 99 -17.82 -5.67 11.73
C ASP B 99 -17.02 -6.21 12.90
N ARG B 100 -15.70 -5.98 12.86
CA ARG B 100 -14.82 -6.53 13.87
C ARG B 100 -15.16 -6.01 15.26
N GLY B 101 -15.66 -4.78 15.35
CA GLY B 101 -15.94 -4.18 16.63
C GLY B 101 -17.41 -3.91 16.92
N SER B 102 -17.68 -3.30 18.06
CA SER B 102 -19.05 -3.03 18.48
C SER B 102 -19.24 -1.54 18.68
N SER B 103 -20.00 -0.90 17.80
CA SER B 103 -20.11 0.54 17.80
C SER B 103 -21.22 1.03 18.72
N PHE B 104 -21.05 2.24 19.24
CA PHE B 104 -22.13 2.89 19.97
C PHE B 104 -23.25 3.30 19.03
N TYR B 105 -22.90 3.71 17.82
CA TYR B 105 -23.88 3.97 16.77
C TYR B 105 -24.02 2.70 15.94
N TYR B 106 -24.65 1.68 16.52
CA TYR B 106 -24.92 0.43 15.83
C TYR B 106 -25.98 0.57 14.76
N VAL B 107 -26.72 1.68 14.76
CA VAL B 107 -27.70 1.94 13.72
C VAL B 107 -27.05 2.32 12.40
N ARG B 108 -25.89 2.98 12.44
CA ARG B 108 -25.25 3.48 11.24
C ARG B 108 -24.71 2.34 10.40
N GLU B 109 -25.08 2.33 9.11
CA GLU B 109 -24.58 1.29 8.21
C GLU B 109 -23.12 1.50 7.88
N SER B 110 -22.58 2.70 8.10
CA SER B 110 -21.17 2.94 7.86
C SER B 110 -20.29 2.33 8.94
N GLU B 111 -20.87 1.78 10.00
CA GLU B 111 -20.13 1.15 11.08
C GLU B 111 -19.99 -0.36 10.88
N TYR B 112 -20.15 -0.84 9.66
CA TYR B 112 -20.02 -2.26 9.34
C TYR B 112 -19.17 -2.38 8.08
N THR B 113 -18.02 -3.05 8.20
CA THR B 113 -17.07 -3.10 7.09
C THR B 113 -17.54 -4.11 6.04
N PHE B 114 -17.87 -5.32 6.45
CA PHE B 114 -18.29 -6.37 5.53
C PHE B 114 -19.80 -6.37 5.39
N TRP B 115 -20.28 -6.63 4.18
CA TRP B 115 -21.70 -6.66 3.89
C TRP B 115 -22.01 -7.86 3.01
N GLY B 116 -23.21 -8.42 3.21
CA GLY B 116 -23.66 -9.57 2.45
C GLY B 116 -24.47 -9.16 1.24
N GLN B 117 -25.01 -10.19 0.56
CA GLN B 117 -25.84 -9.98 -0.62
C GLN B 117 -27.23 -9.55 -0.20
N GLY B 118 -28.16 -9.58 -1.15
CA GLY B 118 -29.53 -9.19 -0.88
C GLY B 118 -30.52 -10.34 -0.84
N VAL B 121 -31.58 -10.18 -0.05
CA VAL B 121 -32.65 -11.17 0.03
C VAL B 121 -33.82 -10.69 -0.82
N THR B 122 -34.61 -11.66 -1.31
CA THR B 122 -35.74 -11.41 -2.20
C THR B 122 -36.66 -10.30 -1.68
N VAL B 123 -37.34 -9.61 -2.59
CA VAL B 123 -38.13 -8.45 -2.19
C VAL B 123 -39.56 -8.85 -1.84
N ASN C 321 14.28 4.91 -43.13
CA ASN C 321 13.82 5.91 -42.17
C ASN C 321 13.88 5.35 -40.75
N LEU C 322 14.57 6.08 -39.87
CA LEU C 322 14.73 5.64 -38.50
C LEU C 322 13.41 5.72 -37.74
N CYS C 323 13.21 4.75 -36.80
CA CYS C 323 12.00 4.76 -36.00
C CYS C 323 11.96 5.99 -35.11
N PRO C 324 10.80 6.59 -34.90
CA PRO C 324 10.74 7.82 -34.11
C PRO C 324 10.97 7.58 -32.62
N PHE C 325 12.14 7.98 -32.14
CA PHE C 325 12.48 7.92 -30.73
C PHE C 325 12.79 9.30 -30.18
N GLY C 326 12.38 10.35 -30.88
CA GLY C 326 12.56 11.71 -30.42
C GLY C 326 11.21 12.38 -30.25
N GLU C 327 10.16 11.70 -30.69
CA GLU C 327 8.79 12.13 -30.44
C GLU C 327 8.17 11.39 -29.28
N VAL C 328 8.88 10.41 -28.72
CA VAL C 328 8.44 9.67 -27.55
C VAL C 328 9.27 10.10 -26.36
N PHE C 329 10.59 10.16 -26.55
CA PHE C 329 11.52 10.50 -25.49
C PHE C 329 11.73 12.00 -25.33
N ASP C 330 11.72 12.76 -26.43
CA ASP C 330 11.96 14.19 -26.37
C ASP C 330 10.69 14.99 -26.62
N ALA C 331 9.53 14.45 -26.28
CA ALA C 331 8.27 15.15 -26.48
C ALA C 331 8.16 16.34 -25.54
N THR C 332 7.18 17.21 -25.82
CA THR C 332 7.05 18.43 -25.03
C THR C 332 6.28 18.21 -23.74
N ARG C 333 5.22 17.40 -23.78
CA ARG C 333 4.41 17.14 -22.58
C ARG C 333 4.10 15.65 -22.51
N PHE C 334 4.21 15.10 -21.31
CA PHE C 334 3.91 13.70 -21.08
C PHE C 334 2.52 13.55 -20.45
N ALA C 335 1.96 12.35 -20.58
CA ALA C 335 0.64 12.09 -20.06
C ALA C 335 0.71 11.60 -18.62
N SER C 336 -0.39 11.77 -17.89
CA SER C 336 -0.47 11.26 -16.53
C SER C 336 -0.41 9.73 -16.54
N VAL C 337 -0.03 9.16 -15.40
CA VAL C 337 0.19 7.71 -15.36
C VAL C 337 -1.12 6.95 -15.51
N TYR C 338 -2.21 7.52 -15.02
CA TYR C 338 -3.49 6.82 -15.16
C TYR C 338 -3.96 6.80 -16.61
N ALA C 339 -3.88 7.93 -17.31
CA ALA C 339 -4.13 7.97 -18.75
C ALA C 339 -2.82 7.96 -19.52
N TRP C 340 -2.03 6.89 -19.40
CA TRP C 340 -0.74 6.84 -20.07
C TRP C 340 -0.90 6.80 -21.57
N ASN C 341 0.17 7.13 -22.28
CA ASN C 341 0.12 7.39 -23.72
C ASN C 341 0.86 6.27 -24.47
N ARG C 342 0.12 5.50 -25.26
CA ARG C 342 0.69 4.40 -26.01
C ARG C 342 0.84 4.77 -27.48
N LYS C 343 2.04 4.55 -28.02
CA LYS C 343 2.34 4.82 -29.42
C LYS C 343 2.89 3.55 -30.05
N ARG C 344 2.28 3.10 -31.13
CA ARG C 344 2.71 1.90 -31.83
C ARG C 344 3.69 2.27 -32.92
N ILE C 345 4.92 1.78 -32.83
CA ILE C 345 5.97 2.05 -33.80
C ILE C 345 6.10 0.82 -34.69
N SER C 346 6.01 1.04 -36.00
CA SER C 346 6.08 -0.04 -36.97
C SER C 346 6.51 0.53 -38.32
N ASN C 347 7.00 -0.34 -39.18
CA ASN C 347 7.47 0.01 -40.52
C ASN C 347 8.55 1.09 -40.48
N CYS C 348 9.65 0.72 -39.82
CA CYS C 348 10.83 1.56 -39.77
C CYS C 348 12.02 0.72 -39.35
N VAL C 349 13.20 1.30 -39.45
CA VAL C 349 14.43 0.66 -38.98
C VAL C 349 14.67 1.08 -37.54
N ALA C 350 14.59 0.11 -36.63
CA ALA C 350 14.71 0.38 -35.20
C ALA C 350 16.15 0.72 -34.87
N ASP C 351 16.45 2.00 -34.71
CA ASP C 351 17.79 2.48 -34.40
C ASP C 351 17.83 2.82 -32.91
N TYR C 352 18.08 1.83 -32.07
CA TYR C 352 18.11 2.02 -30.63
C TYR C 352 19.38 2.68 -30.15
N SER C 353 20.31 3.01 -31.05
CA SER C 353 21.55 3.65 -30.62
C SER C 353 21.29 4.98 -29.94
N VAL C 354 20.17 5.63 -30.27
CA VAL C 354 19.82 6.89 -29.64
C VAL C 354 19.66 6.70 -28.13
N LEU C 355 19.30 5.50 -27.69
CA LEU C 355 19.18 5.18 -26.27
C LEU C 355 20.48 4.69 -25.66
N TYR C 356 21.50 4.38 -26.47
CA TYR C 356 22.77 3.94 -25.90
C TYR C 356 23.69 5.10 -25.59
N ASN C 357 23.59 6.19 -26.35
CA ASN C 357 24.41 7.37 -26.10
C ASN C 357 23.79 8.32 -25.09
N SER C 358 22.47 8.29 -24.95
CA SER C 358 21.79 9.20 -24.03
C SER C 358 22.21 8.92 -22.59
N ALA C 359 22.72 9.95 -21.92
CA ALA C 359 23.24 9.83 -20.57
C ALA C 359 22.32 10.43 -19.51
N SER C 360 21.04 10.63 -19.83
CA SER C 360 20.13 11.20 -18.85
C SER C 360 19.33 10.15 -18.12
N PHE C 361 19.13 8.97 -18.71
CA PHE C 361 18.28 7.96 -18.12
C PHE C 361 18.85 7.49 -16.80
N SER C 362 18.00 7.44 -15.78
CA SER C 362 18.37 6.88 -14.49
C SER C 362 18.02 5.41 -14.37
N THR C 363 17.18 4.90 -15.27
CA THR C 363 16.84 3.47 -15.31
C THR C 363 16.69 3.04 -16.75
N PHE C 364 17.42 2.01 -17.16
CA PHE C 364 17.26 1.37 -18.46
C PHE C 364 17.33 -0.12 -18.18
N LYS C 365 16.18 -0.75 -17.97
CA LYS C 365 16.15 -2.14 -17.53
C LYS C 365 15.32 -2.95 -18.52
N CYS C 366 15.93 -4.00 -19.07
CA CYS C 366 15.29 -4.82 -20.10
C CYS C 366 14.96 -6.18 -19.54
N TYR C 367 13.73 -6.62 -19.75
CA TYR C 367 13.23 -7.92 -19.29
C TYR C 367 12.93 -8.78 -20.51
N GLY C 368 13.47 -9.98 -20.55
CA GLY C 368 13.27 -10.87 -21.68
C GLY C 368 14.36 -10.75 -22.72
N VAL C 369 14.56 -9.54 -23.24
CA VAL C 369 15.60 -9.30 -24.22
C VAL C 369 16.83 -8.72 -23.54
N SER C 370 18.00 -9.00 -24.09
CA SER C 370 19.20 -8.36 -23.59
C SER C 370 19.24 -6.90 -24.04
N PRO C 371 19.66 -5.98 -23.17
CA PRO C 371 19.56 -4.56 -23.47
C PRO C 371 20.48 -4.05 -24.58
N THR C 372 21.28 -4.91 -25.19
CA THR C 372 22.12 -4.53 -26.32
C THR C 372 21.75 -5.28 -27.59
N LYS C 373 21.01 -6.38 -27.47
CA LYS C 373 20.57 -7.16 -28.63
C LYS C 373 19.16 -6.77 -29.09
N LEU C 374 18.79 -5.50 -28.90
CA LEU C 374 17.45 -5.06 -29.32
C LEU C 374 17.37 -4.93 -30.84
N ASN C 375 18.49 -4.65 -31.49
CA ASN C 375 18.52 -4.50 -32.94
C ASN C 375 18.48 -5.85 -33.66
N ASP C 376 19.06 -6.88 -33.07
CA ASP C 376 19.21 -8.16 -33.76
C ASP C 376 17.87 -8.80 -34.09
N LEU C 377 16.90 -8.69 -33.19
CA LEU C 377 15.62 -9.33 -33.42
C LEU C 377 14.67 -8.40 -34.17
N CYS C 378 13.87 -8.99 -35.04
CA CYS C 378 12.90 -8.26 -35.85
C CYS C 378 11.51 -8.52 -35.30
N PHE C 379 10.84 -7.45 -34.86
CA PHE C 379 9.54 -7.56 -34.22
C PHE C 379 8.48 -6.91 -35.10
N PHE C 380 7.22 -7.31 -34.87
CA PHE C 380 6.10 -6.77 -35.63
C PHE C 380 5.77 -5.34 -35.22
N ASN C 381 5.69 -5.08 -33.92
CA ASN C 381 5.38 -3.75 -33.40
C ASN C 381 6.21 -3.46 -32.15
N VAL C 382 6.48 -2.19 -31.91
CA VAL C 382 7.08 -1.75 -30.64
C VAL C 382 6.15 -0.72 -30.03
N TYR C 383 5.54 -1.07 -28.90
CA TYR C 383 4.62 -0.16 -28.23
C TYR C 383 5.39 0.64 -27.18
N ALA C 384 5.41 1.95 -27.33
CA ALA C 384 6.05 2.84 -26.37
C ALA C 384 4.96 3.48 -25.51
N ASP C 385 4.94 3.13 -24.23
CA ASP C 385 3.99 3.65 -23.27
C ASP C 385 4.70 4.69 -22.40
N SER C 386 4.28 5.95 -22.52
CA SER C 386 4.93 7.05 -21.82
C SER C 386 4.00 7.63 -20.77
N PHE C 387 4.57 7.99 -19.63
CA PHE C 387 3.82 8.64 -18.55
C PHE C 387 4.82 9.29 -17.60
N VAL C 388 4.29 9.89 -16.54
CA VAL C 388 5.09 10.59 -15.53
C VAL C 388 4.65 10.12 -14.16
N ILE C 389 5.61 9.65 -13.36
CA ILE C 389 5.32 9.21 -11.99
C ILE C 389 6.29 9.90 -11.06
N ARG C 390 6.28 9.54 -9.79
CA ARG C 390 7.21 10.07 -8.82
C ARG C 390 8.45 9.19 -8.78
N GLY C 391 9.48 9.65 -8.06
CA GLY C 391 10.70 8.90 -7.97
C GLY C 391 10.65 7.68 -7.09
N ASP C 392 9.76 7.66 -6.11
CA ASP C 392 9.58 6.53 -5.22
C ASP C 392 8.97 5.33 -5.91
N GLU C 393 8.20 5.54 -6.96
CA GLU C 393 7.43 4.47 -7.59
C GLU C 393 7.90 4.14 -8.99
N VAL C 394 9.13 4.51 -9.37
CA VAL C 394 9.72 4.04 -10.61
C VAL C 394 10.06 2.56 -10.49
N ARG C 395 10.28 2.06 -9.27
CA ARG C 395 10.56 0.65 -9.08
C ARG C 395 9.31 -0.22 -9.22
N GLN C 396 8.12 0.38 -9.18
CA GLN C 396 6.88 -0.35 -9.38
C GLN C 396 6.59 -0.61 -10.85
N ILE C 397 7.50 -0.24 -11.74
CA ILE C 397 7.34 -0.54 -13.17
C ILE C 397 8.27 -1.70 -13.49
N ALA C 398 7.77 -2.92 -13.34
CA ALA C 398 8.55 -4.13 -13.53
C ALA C 398 7.61 -5.32 -13.40
N PRO C 399 7.94 -6.47 -14.00
CA PRO C 399 7.07 -7.64 -13.87
C PRO C 399 7.03 -8.14 -12.43
N GLY C 400 5.82 -8.35 -11.94
CA GLY C 400 5.63 -8.86 -10.60
C GLY C 400 5.88 -7.84 -9.52
N GLN C 401 5.19 -6.70 -9.61
CA GLN C 401 5.32 -5.63 -8.62
C GLN C 401 3.94 -5.25 -8.11
N THR C 402 3.92 -4.66 -6.92
CA THR C 402 2.68 -4.22 -6.30
C THR C 402 2.85 -2.81 -5.73
N GLY C 403 1.74 -2.12 -5.59
CA GLY C 403 1.75 -0.76 -5.10
C GLY C 403 0.51 -0.04 -5.59
N LYS C 404 0.62 1.27 -5.69
CA LYS C 404 -0.47 2.08 -6.24
C LYS C 404 -0.31 2.35 -7.72
N ILE C 405 0.91 2.23 -8.25
CA ILE C 405 1.18 2.49 -9.65
C ILE C 405 1.44 1.16 -10.36
N ALA C 406 1.11 0.06 -9.70
CA ALA C 406 1.46 -1.24 -10.24
C ALA C 406 0.25 -2.16 -10.33
N ASP C 407 -0.87 -1.76 -9.72
CA ASP C 407 -2.09 -2.53 -9.89
C ASP C 407 -3.30 -1.63 -10.09
N TYR C 408 -3.09 -0.31 -10.02
CA TYR C 408 -4.17 0.65 -10.25
C TYR C 408 -3.91 1.57 -11.43
N ASN C 409 -2.66 1.78 -11.83
CA ASN C 409 -2.36 2.72 -12.91
C ASN C 409 -1.70 2.02 -14.09
N TYR C 410 -0.63 1.24 -13.88
CA TYR C 410 0.08 0.61 -14.98
C TYR C 410 0.61 -0.74 -14.53
N LYS C 411 0.12 -1.81 -15.15
CA LYS C 411 0.49 -3.17 -14.81
C LYS C 411 1.23 -3.83 -15.96
N LEU C 412 2.38 -4.43 -15.67
CA LEU C 412 3.19 -5.19 -16.60
C LEU C 412 3.00 -6.69 -16.36
N PRO C 413 2.99 -7.50 -17.42
CA PRO C 413 2.77 -8.94 -17.24
C PRO C 413 3.93 -9.60 -16.51
N ASP C 414 3.68 -10.82 -16.05
CA ASP C 414 4.69 -11.62 -15.39
C ASP C 414 5.74 -12.14 -16.36
N ASP C 415 5.40 -12.25 -17.64
CA ASP C 415 6.34 -12.65 -18.69
C ASP C 415 6.42 -11.49 -19.68
N PHE C 416 7.29 -10.54 -19.39
CA PHE C 416 7.39 -9.29 -20.11
C PHE C 416 8.64 -9.29 -20.97
N THR C 417 8.47 -8.90 -22.23
CA THR C 417 9.58 -8.78 -23.18
C THR C 417 9.65 -7.33 -23.62
N GLY C 418 10.54 -6.56 -23.00
CA GLY C 418 10.61 -5.14 -23.29
C GLY C 418 11.68 -4.48 -22.46
N CYS C 419 11.60 -3.15 -22.40
CA CYS C 419 12.57 -2.34 -21.67
C CYS C 419 11.90 -1.12 -21.07
N VAL C 420 12.18 -0.86 -19.81
CA VAL C 420 11.67 0.31 -19.08
C VAL C 420 12.79 1.33 -18.99
N ILE C 421 12.49 2.57 -19.38
CA ILE C 421 13.45 3.67 -19.35
C ILE C 421 12.83 4.81 -18.55
N ALA C 422 13.59 5.33 -17.60
CA ALA C 422 13.08 6.35 -16.69
C ALA C 422 14.16 7.37 -16.42
N TRP C 423 13.80 8.65 -16.51
CA TRP C 423 14.74 9.73 -16.26
C TRP C 423 14.07 10.88 -15.52
N ASN C 424 14.88 11.61 -14.76
CA ASN C 424 14.37 12.69 -13.91
C ASN C 424 14.03 13.90 -14.77
N SER C 425 12.82 14.43 -14.58
CA SER C 425 12.35 15.60 -15.31
C SER C 425 11.85 16.67 -14.37
N ASN C 426 12.62 16.98 -13.33
CA ASN C 426 12.20 18.02 -12.41
C ASN C 426 12.18 19.39 -13.07
N ASN C 427 13.04 19.61 -14.06
CA ASN C 427 13.15 20.90 -14.72
C ASN C 427 12.11 21.10 -15.81
N LEU C 428 11.23 20.12 -16.05
CA LEU C 428 10.21 20.25 -17.08
C LEU C 428 8.82 20.15 -16.47
N ASP C 429 8.66 19.34 -15.43
CA ASP C 429 7.35 19.01 -14.90
C ASP C 429 7.04 19.65 -13.56
N SER C 430 7.94 20.46 -13.00
CA SER C 430 7.73 21.10 -11.72
C SER C 430 7.86 22.60 -11.84
N LYS C 431 6.79 23.31 -11.50
CA LYS C 431 6.75 24.77 -11.53
C LYS C 431 6.64 25.29 -10.10
N VAL C 432 6.75 26.60 -9.96
CA VAL C 432 6.66 27.24 -8.65
C VAL C 432 5.23 27.12 -8.14
N GLY C 433 5.09 26.80 -6.85
CA GLY C 433 3.80 26.60 -6.25
C GLY C 433 3.16 25.25 -6.51
N GLY C 434 3.74 24.44 -7.39
CA GLY C 434 3.24 23.10 -7.63
C GLY C 434 2.61 22.92 -8.99
N ASN C 435 2.93 21.80 -9.65
CA ASN C 435 2.33 21.41 -10.93
C ASN C 435 1.36 20.28 -10.62
N TYR C 436 0.08 20.63 -10.46
CA TYR C 436 -0.95 19.67 -10.11
C TYR C 436 -1.69 19.14 -11.33
N ASN C 437 -1.02 19.08 -12.48
CA ASN C 437 -1.60 18.58 -13.70
C ASN C 437 -1.36 17.09 -13.92
N TYR C 438 -0.57 16.44 -13.08
CA TYR C 438 -0.25 15.03 -13.22
C TYR C 438 -1.01 14.26 -12.15
N LEU C 439 -2.01 13.49 -12.56
CA LEU C 439 -2.89 12.78 -11.65
C LEU C 439 -2.51 11.30 -11.63
N TYR C 440 -2.93 10.60 -10.58
CA TYR C 440 -2.77 9.16 -10.49
C TYR C 440 -3.98 8.58 -9.79
N ARG C 441 -4.33 7.35 -10.17
CA ARG C 441 -5.48 6.69 -9.57
C ARG C 441 -5.10 6.10 -8.23
N LEU C 442 -5.83 6.49 -7.19
CA LEU C 442 -5.56 6.04 -5.83
C LEU C 442 -6.47 4.89 -5.39
N PHE C 443 -7.70 4.86 -5.90
CA PHE C 443 -8.68 3.87 -5.49
C PHE C 443 -9.23 3.16 -6.71
N ARG C 444 -9.40 1.84 -6.59
CA ARG C 444 -9.98 1.03 -7.66
C ARG C 444 -10.49 -0.27 -7.06
N LYS C 445 -11.60 -0.76 -7.62
CA LYS C 445 -12.24 -1.95 -7.09
C LYS C 445 -11.35 -3.18 -7.22
N SER C 446 -10.67 -3.35 -8.35
CA SER C 446 -9.86 -4.53 -8.60
C SER C 446 -8.58 -4.11 -9.29
N ASN C 447 -7.56 -4.96 -9.20
CA ASN C 447 -6.25 -4.67 -9.76
C ASN C 447 -6.32 -4.71 -11.28
N LEU C 448 -5.52 -3.86 -11.93
CA LEU C 448 -5.50 -3.79 -13.38
C LEU C 448 -4.94 -5.08 -13.97
N LYS C 449 -5.49 -5.47 -15.11
CA LYS C 449 -4.84 -6.55 -15.84
C LYS C 449 -3.69 -5.99 -16.68
N PRO C 450 -2.69 -6.81 -17.01
CA PRO C 450 -1.51 -6.29 -17.71
C PRO C 450 -1.86 -5.48 -18.95
N PHE C 451 -1.27 -4.29 -19.05
CA PHE C 451 -1.38 -3.42 -20.21
C PHE C 451 -2.83 -2.94 -20.41
N GLU C 452 -3.51 -2.67 -19.30
CA GLU C 452 -4.84 -2.09 -19.30
C GLU C 452 -4.76 -0.68 -18.72
N ARG C 453 -5.57 0.23 -19.26
CA ARG C 453 -5.66 1.58 -18.74
C ARG C 453 -7.10 1.87 -18.34
N ASP C 454 -7.27 2.72 -17.33
CA ASP C 454 -8.56 3.15 -16.85
C ASP C 454 -8.61 4.65 -16.74
N ILE C 455 -9.52 5.27 -17.50
CA ILE C 455 -9.61 6.73 -17.54
C ILE C 455 -10.94 7.18 -16.96
N SER C 456 -11.61 6.27 -16.26
CA SER C 456 -12.88 6.63 -15.63
C SER C 456 -12.64 7.47 -14.38
N THR C 457 -13.53 8.42 -14.16
CA THR C 457 -13.50 9.27 -12.97
C THR C 457 -14.70 9.07 -12.07
N GLU C 458 -15.33 7.89 -12.10
CA GLU C 458 -16.50 7.64 -11.27
C GLU C 458 -16.12 7.63 -9.81
N ILE C 459 -17.08 7.97 -8.95
CA ILE C 459 -16.83 8.08 -7.52
C ILE C 459 -16.61 6.69 -6.94
N TYR C 460 -15.59 6.56 -6.10
CA TYR C 460 -15.23 5.28 -5.50
C TYR C 460 -16.09 5.04 -4.26
N GLN C 461 -16.88 3.98 -4.28
CA GLN C 461 -17.67 3.60 -3.11
C GLN C 461 -16.79 2.79 -2.17
N ALA C 462 -16.17 3.48 -1.21
CA ALA C 462 -15.28 2.85 -0.25
C ALA C 462 -15.99 2.43 1.02
N GLY C 463 -17.27 2.74 1.17
CA GLY C 463 -18.01 2.35 2.36
C GLY C 463 -19.00 1.24 2.10
N SER C 464 -20.26 1.47 2.47
CA SER C 464 -21.30 0.47 2.34
C SER C 464 -22.58 1.08 1.78
N THR C 465 -22.56 2.38 1.49
CA THR C 465 -23.71 3.08 0.96
C THR C 465 -23.38 3.58 -0.44
N PRO C 466 -24.21 3.28 -1.44
CA PRO C 466 -23.94 3.75 -2.81
C PRO C 466 -23.77 5.26 -2.91
N CYS C 467 -22.81 5.69 -3.73
CA CYS C 467 -22.48 7.10 -3.83
C CYS C 467 -23.40 7.83 -4.79
N ASN C 468 -23.51 7.33 -6.03
CA ASN C 468 -24.30 7.96 -7.09
C ASN C 468 -23.76 9.37 -7.40
N GLY C 469 -22.44 9.46 -7.46
CA GLY C 469 -21.77 10.68 -7.86
C GLY C 469 -22.03 11.90 -7.01
N VAL C 470 -21.70 11.83 -5.72
CA VAL C 470 -21.87 12.98 -4.84
C VAL C 470 -20.53 13.32 -4.18
N GLU C 471 -19.65 12.33 -4.06
CA GLU C 471 -18.32 12.51 -3.49
C GLU C 471 -18.36 13.10 -2.08
N GLY C 472 -18.92 12.35 -1.13
CA GLY C 472 -19.00 12.80 0.26
C GLY C 472 -18.19 11.95 1.20
N PHE C 473 -18.85 11.51 2.27
CA PHE C 473 -18.22 10.64 3.27
C PHE C 473 -18.21 9.21 2.77
N ASN C 474 -17.04 8.56 2.82
CA ASN C 474 -16.85 7.21 2.30
C ASN C 474 -17.16 7.11 0.82
N CYS C 475 -17.00 8.21 0.08
CA CYS C 475 -17.19 8.24 -1.37
C CYS C 475 -16.13 9.19 -1.91
N TYR C 476 -14.99 8.64 -2.31
CA TYR C 476 -13.82 9.42 -2.65
C TYR C 476 -13.65 9.52 -4.17
N PHE C 477 -13.17 10.67 -4.62
CA PHE C 477 -12.75 10.83 -6.01
C PHE C 477 -11.39 10.15 -6.20
N PRO C 478 -11.27 9.23 -7.16
CA PRO C 478 -10.07 8.38 -7.22
C PRO C 478 -8.81 9.11 -7.63
N LEU C 479 -8.93 9.99 -8.62
CA LEU C 479 -7.77 10.64 -9.23
C LEU C 479 -7.21 11.68 -8.27
N GLN C 480 -6.07 11.37 -7.67
CA GLN C 480 -5.37 12.27 -6.77
C GLN C 480 -4.21 12.93 -7.50
N SER C 481 -3.99 14.21 -7.20
CA SER C 481 -3.00 14.99 -7.94
C SER C 481 -1.59 14.77 -7.39
N TYR C 482 -0.61 15.22 -8.16
CA TYR C 482 0.79 15.17 -7.78
C TYR C 482 1.28 16.55 -7.43
N GLY C 483 1.83 16.70 -6.23
CA GLY C 483 2.38 17.98 -5.79
C GLY C 483 3.83 18.15 -6.18
N PHE C 484 4.11 18.37 -7.46
CA PHE C 484 5.47 18.50 -7.95
C PHE C 484 5.95 19.94 -7.81
N GLN C 485 7.02 20.14 -7.05
CA GLN C 485 7.62 21.44 -6.84
C GLN C 485 9.14 21.29 -6.97
N PRO C 486 9.83 22.35 -7.36
CA PRO C 486 11.29 22.24 -7.58
C PRO C 486 12.10 22.01 -6.32
N THR C 487 11.48 22.08 -5.14
CA THR C 487 12.20 21.94 -3.88
C THR C 487 12.17 20.52 -3.33
N ASN C 488 11.37 19.64 -3.91
CA ASN C 488 11.23 18.28 -3.41
C ASN C 488 12.56 17.54 -3.47
N GLY C 489 12.66 16.47 -2.68
CA GLY C 489 13.81 15.60 -2.77
C GLY C 489 13.86 14.89 -4.12
N VAL C 490 15.05 14.38 -4.44
CA VAL C 490 15.23 13.73 -5.73
C VAL C 490 14.38 12.46 -5.81
N GLY C 491 13.92 11.96 -4.67
CA GLY C 491 13.01 10.82 -4.68
C GLY C 491 11.55 11.20 -4.73
N TYR C 492 11.23 12.49 -4.63
CA TYR C 492 9.87 12.98 -4.69
C TYR C 492 9.63 13.87 -5.91
N GLN C 493 10.52 13.84 -6.88
CA GLN C 493 10.47 14.67 -8.06
C GLN C 493 9.92 13.88 -9.24
N PRO C 494 9.39 14.56 -10.27
CA PRO C 494 8.72 13.85 -11.36
C PRO C 494 9.72 13.13 -12.26
N TYR C 495 9.48 11.83 -12.47
CA TYR C 495 10.27 11.02 -13.36
C TYR C 495 9.43 10.64 -14.57
N ARG C 496 9.98 10.88 -15.76
CA ARG C 496 9.34 10.48 -17.01
C ARG C 496 9.73 9.06 -17.34
N VAL C 497 8.75 8.24 -17.70
CA VAL C 497 8.93 6.81 -17.92
C VAL C 497 8.39 6.45 -19.30
N VAL C 498 9.14 5.60 -20.01
CA VAL C 498 8.81 5.10 -21.34
C VAL C 498 9.09 3.61 -21.34
N VAL C 499 8.03 2.82 -21.58
CA VAL C 499 8.12 1.36 -21.59
C VAL C 499 7.97 0.89 -23.03
N LEU C 500 9.04 0.32 -23.57
CA LEU C 500 9.03 -0.23 -24.93
C LEU C 500 8.76 -1.72 -24.83
N SER C 501 7.55 -2.13 -25.19
CA SER C 501 7.16 -3.53 -25.25
C SER C 501 7.24 -4.01 -26.68
N PHE C 502 7.97 -5.10 -26.90
CA PHE C 502 8.20 -5.65 -28.24
C PHE C 502 7.16 -6.73 -28.50
N GLU C 503 6.26 -6.49 -29.44
CA GLU C 503 5.18 -7.40 -29.75
C GLU C 503 5.46 -8.05 -31.09
N LEU C 504 5.58 -9.38 -31.09
CA LEU C 504 5.88 -10.17 -32.29
C LEU C 504 4.74 -11.16 -32.51
N LEU C 505 4.10 -11.10 -33.67
CA LEU C 505 3.06 -12.05 -34.04
C LEU C 505 3.30 -12.49 -35.48
N HIS C 506 2.59 -13.54 -35.90
CA HIS C 506 2.78 -14.09 -37.23
C HIS C 506 2.23 -13.12 -38.26
N ALA C 507 3.13 -12.33 -38.85
CA ALA C 507 2.81 -11.29 -39.82
C ALA C 507 4.13 -10.73 -40.33
N PRO C 508 4.14 -9.94 -41.42
CA PRO C 508 5.40 -9.35 -41.87
C PRO C 508 6.07 -8.52 -40.78
N GLN D 3 17.60 -14.24 1.86
CA GLN D 3 17.40 -14.03 0.43
C GLN D 3 18.59 -14.55 -0.38
N LEU D 4 19.66 -13.77 -0.42
CA LEU D 4 20.87 -14.11 -1.17
C LEU D 4 21.98 -14.49 -0.20
N VAL D 5 22.14 -15.80 0.02
CA VAL D 5 23.21 -16.31 0.86
C VAL D 5 24.46 -16.40 -0.02
N GLU D 6 25.63 -16.32 0.62
CA GLU D 6 26.87 -16.44 -0.13
C GLU D 6 27.90 -17.14 0.71
N SER D 7 28.86 -17.78 0.04
CA SER D 7 29.90 -18.53 0.70
C SER D 7 31.21 -18.32 -0.04
N GLY D 8 32.30 -18.76 0.56
CA GLY D 8 33.63 -18.55 0.03
C GLY D 8 34.24 -17.27 0.56
N GLY D 9 35.55 -17.13 0.33
CA GLY D 9 36.28 -16.00 0.85
C GLY D 9 37.10 -16.34 2.07
N GLY D 10 38.25 -15.68 2.20
CA GLY D 10 39.17 -15.98 3.29
C GLY D 10 40.59 -15.71 2.85
N LEU D 11 41.49 -15.79 3.83
CA LEU D 11 42.90 -15.52 3.59
C LEU D 11 43.43 -16.48 2.54
N VAL D 12 44.14 -15.94 1.55
CA VAL D 12 44.73 -16.73 0.48
C VAL D 12 46.24 -16.57 0.54
N GLU D 13 46.95 -17.36 -0.25
CA GLU D 13 48.41 -17.34 -0.28
C GLU D 13 48.96 -16.41 -1.37
N ALA D 14 48.16 -15.42 -1.81
CA ALA D 14 48.61 -14.36 -2.71
C ALA D 14 49.18 -14.90 -4.02
N GLY D 15 48.33 -15.53 -4.82
CA GLY D 15 48.78 -16.08 -6.09
C GLY D 15 48.07 -17.36 -6.46
N GLY D 16 47.44 -17.99 -5.47
CA GLY D 16 46.61 -19.16 -5.71
C GLY D 16 45.28 -18.78 -6.30
N SER D 17 44.23 -19.50 -5.96
CA SER D 17 42.90 -19.23 -6.50
C SER D 17 41.91 -19.09 -5.35
N LEU D 18 40.66 -18.87 -5.71
CA LEU D 18 39.55 -18.81 -4.76
C LEU D 18 38.26 -18.92 -5.54
N ARG D 19 37.18 -19.21 -4.84
CA ARG D 19 35.88 -19.41 -5.47
C ARG D 19 34.81 -18.86 -4.55
N LEU D 20 34.23 -17.71 -4.91
CA LEU D 20 33.07 -17.21 -4.20
C LEU D 20 31.82 -17.78 -4.84
N SER D 21 30.79 -18.00 -4.02
CA SER D 21 29.54 -18.55 -4.52
C SER D 21 28.38 -17.81 -3.88
N CYS D 22 27.26 -17.80 -4.59
CA CYS D 22 26.09 -17.04 -4.16
C CYS D 22 24.84 -17.83 -4.50
N VAL D 23 24.11 -18.25 -3.47
CA VAL D 23 22.89 -19.04 -3.61
C VAL D 23 21.68 -18.16 -3.33
N ALA D 24 20.62 -18.37 -4.09
CA ALA D 24 19.34 -17.69 -3.85
C ALA D 24 18.34 -18.68 -3.28
N SER D 25 17.51 -18.18 -2.35
CA SER D 25 16.66 -19.07 -1.57
C SER D 25 15.21 -18.64 -1.55
N GLY D 26 14.85 -17.63 -2.33
CA GLY D 26 13.48 -17.16 -2.34
C GLY D 26 12.97 -16.73 -3.69
N LEU D 27 13.72 -17.05 -4.74
CA LEU D 27 13.41 -16.58 -6.09
C LEU D 27 13.67 -17.71 -7.08
N THR D 28 13.19 -17.52 -8.31
CA THR D 28 13.20 -18.59 -9.30
C THR D 28 14.62 -18.88 -9.79
N PHE D 29 15.46 -17.85 -9.91
CA PHE D 29 16.85 -17.97 -10.34
C PHE D 29 16.93 -18.42 -11.81
N SER D 30 15.78 -18.36 -12.48
CA SER D 30 15.71 -18.63 -13.91
C SER D 30 15.26 -17.36 -14.63
N ASP D 31 14.81 -16.37 -13.85
CA ASP D 31 14.38 -15.09 -14.39
C ASP D 31 15.22 -13.95 -13.83
N TYR D 32 16.29 -14.25 -13.09
CA TYR D 32 17.03 -13.24 -12.34
C TYR D 32 18.45 -13.14 -12.88
N THR D 33 18.84 -11.93 -13.23
CA THR D 33 20.17 -11.61 -13.73
C THR D 33 21.06 -11.23 -12.58
N MET D 34 22.25 -11.83 -12.50
CA MET D 34 23.08 -11.73 -11.31
C MET D 34 24.33 -10.87 -11.58
N ALA D 35 24.98 -10.47 -10.49
CA ALA D 35 26.19 -9.67 -10.59
C ALA D 35 26.98 -9.78 -9.30
N TRP D 36 28.25 -9.38 -9.38
CA TRP D 36 29.17 -9.36 -8.25
C TRP D 36 29.80 -7.98 -8.17
N PHE D 37 29.72 -7.38 -6.98
CA PHE D 37 30.36 -6.11 -6.68
C PHE D 37 31.39 -6.31 -5.58
N ARG D 38 32.27 -5.33 -5.42
CA ARG D 38 33.25 -5.39 -4.34
C ARG D 38 33.41 -4.00 -3.72
N GLN D 39 33.48 -3.95 -2.40
CA GLN D 39 33.59 -2.72 -1.63
C GLN D 39 34.75 -2.83 -0.66
N VAL D 40 35.62 -1.84 -0.68
CA VAL D 40 36.73 -1.72 0.26
C VAL D 40 36.45 -0.54 1.18
N PRO D 41 36.72 -0.64 2.48
CA PRO D 41 36.48 0.51 3.37
C PRO D 41 37.36 1.69 3.01
N GLY D 42 36.72 2.84 2.84
CA GLY D 42 37.41 4.05 2.44
C GLY D 42 37.23 4.44 0.98
N GLN D 43 36.55 3.61 0.20
CA GLN D 43 36.31 3.90 -1.21
C GLN D 43 34.94 3.36 -1.59
N GLU D 44 34.39 3.88 -2.69
CA GLU D 44 33.07 3.47 -3.13
C GLU D 44 33.07 2.00 -3.55
N ARG D 45 31.87 1.44 -3.69
CA ARG D 45 31.72 0.04 -4.06
C ARG D 45 32.00 -0.14 -5.55
N GLU D 46 32.93 -1.03 -5.86
CA GLU D 46 33.34 -1.30 -7.23
C GLU D 46 32.50 -2.40 -7.84
N PHE D 47 32.57 -2.51 -9.16
CA PHE D 47 31.83 -3.50 -9.93
C PHE D 47 32.78 -4.60 -10.37
N VAL D 48 32.42 -5.86 -10.13
CA VAL D 48 33.31 -6.97 -10.45
C VAL D 48 32.86 -7.65 -11.74
N SER D 49 31.63 -8.16 -11.76
CA SER D 49 31.18 -8.87 -12.96
C SER D 49 29.67 -8.92 -13.00
N HIS D 50 29.15 -9.44 -14.09
CA HIS D 50 27.72 -9.47 -14.35
C HIS D 50 27.41 -10.63 -15.28
N ILE D 51 26.28 -11.29 -15.06
CA ILE D 51 25.88 -12.42 -15.91
C ILE D 51 24.36 -12.47 -16.02
N GLY D 52 23.86 -12.39 -17.25
CA GLY D 52 22.44 -12.40 -17.50
C GLY D 52 21.85 -13.79 -17.37
N TRP D 53 20.61 -13.91 -17.84
CA TRP D 53 19.94 -15.20 -17.82
C TRP D 53 20.68 -16.20 -18.71
N GLY D 54 20.44 -17.48 -18.46
CA GLY D 54 21.09 -18.52 -19.25
C GLY D 54 22.56 -18.67 -18.93
N GLY D 55 23.32 -17.59 -19.10
CA GLY D 55 24.74 -17.59 -18.76
C GLY D 55 25.68 -17.28 -19.91
N SER D 56 25.20 -17.18 -21.14
CA SER D 56 26.08 -16.91 -22.27
C SER D 56 26.45 -15.43 -22.40
N GLU D 57 25.86 -14.56 -21.59
CA GLU D 57 26.07 -13.11 -21.68
C GLU D 57 26.72 -12.65 -20.39
N THR D 58 28.06 -12.63 -20.37
CA THR D 58 28.82 -12.25 -19.19
C THR D 58 29.68 -11.04 -19.49
N TYR D 59 29.80 -10.16 -18.48
CA TYR D 59 30.64 -8.97 -18.57
C TYR D 59 31.51 -8.88 -17.33
N TYR D 60 32.70 -8.33 -17.49
CA TYR D 60 33.64 -8.17 -16.38
C TYR D 60 34.14 -6.73 -16.32
N ALA D 61 34.69 -6.38 -15.17
CA ALA D 61 35.30 -5.07 -15.01
C ALA D 61 36.57 -4.97 -15.83
N ASP D 62 37.03 -3.73 -16.03
CA ASP D 62 38.22 -3.47 -16.83
C ASP D 62 39.51 -3.60 -16.02
N SER D 63 39.46 -4.27 -14.88
CA SER D 63 40.65 -4.47 -14.06
C SER D 63 40.82 -5.95 -13.74
N VAL D 64 39.76 -6.73 -13.92
CA VAL D 64 39.79 -8.16 -13.62
C VAL D 64 39.44 -8.98 -14.86
N LYS D 65 39.57 -8.39 -16.05
CA LYS D 65 39.29 -9.11 -17.28
C LYS D 65 40.31 -10.24 -17.47
N GLY D 66 39.81 -11.44 -17.76
CA GLY D 66 40.67 -12.57 -17.99
C GLY D 66 40.97 -13.38 -16.74
N ARG D 67 41.08 -12.68 -15.60
CA ARG D 67 41.40 -13.38 -14.35
C ARG D 67 40.17 -14.11 -13.80
N PHE D 68 39.11 -13.37 -13.48
CA PHE D 68 37.94 -13.94 -12.85
C PHE D 68 37.04 -14.59 -13.91
N THR D 69 36.37 -15.67 -13.51
CA THR D 69 35.43 -16.37 -14.36
C THR D 69 34.09 -16.46 -13.66
N ILE D 70 33.08 -15.82 -14.24
CA ILE D 70 31.74 -15.83 -13.68
C ILE D 70 30.95 -16.97 -14.32
N SER D 71 30.04 -17.55 -13.55
CA SER D 71 29.21 -18.62 -14.08
C SER D 71 27.99 -18.77 -13.19
N ARG D 72 26.99 -19.49 -13.71
CA ARG D 72 25.79 -19.75 -12.94
C ARG D 72 25.28 -21.15 -13.23
N ASP D 73 24.67 -21.77 -12.24
CA ASP D 73 24.07 -23.09 -12.34
C ASP D 73 22.68 -23.03 -11.72
N ASN D 74 21.68 -23.49 -12.47
CA ASN D 74 20.28 -23.41 -12.08
C ASN D 74 19.79 -24.66 -11.37
N ALA D 75 20.53 -25.76 -11.47
CA ALA D 75 20.15 -27.00 -10.80
C ALA D 75 20.26 -26.91 -9.29
N LYS D 76 20.95 -25.90 -8.75
CA LYS D 76 20.98 -25.70 -7.31
C LYS D 76 20.83 -24.23 -6.95
N ASN D 77 20.47 -23.38 -7.92
CA ASN D 77 20.26 -21.95 -7.69
C ASN D 77 21.50 -21.28 -7.13
N ALA D 78 22.57 -21.29 -7.94
CA ALA D 78 23.84 -20.74 -7.49
C ALA D 78 24.54 -20.01 -8.63
N MET D 79 25.40 -19.07 -8.25
CA MET D 79 26.34 -18.42 -9.14
C MET D 79 27.73 -18.50 -8.51
N TYR D 80 28.75 -18.42 -9.35
CA TYR D 80 30.13 -18.59 -8.88
C TYR D 80 31.02 -17.57 -9.54
N LEU D 81 31.89 -16.95 -8.73
CA LEU D 81 32.97 -16.11 -9.20
C LEU D 81 34.28 -16.83 -8.87
N GLN D 82 34.92 -17.40 -9.88
CA GLN D 82 36.17 -18.12 -9.71
C GLN D 82 37.31 -17.13 -9.94
N MET D 83 37.99 -16.76 -8.86
CA MET D 83 39.11 -15.84 -8.94
C MET D 83 40.41 -16.64 -9.03
N ASN D 84 41.35 -16.15 -9.85
CA ASN D 84 42.50 -16.96 -10.21
C ASN D 84 43.85 -16.29 -9.98
N GLU D 85 43.90 -14.98 -9.73
CA GLU D 85 45.18 -14.33 -9.49
C GLU D 85 45.28 -13.83 -8.06
N LEU D 86 44.32 -13.01 -7.64
CA LEU D 86 44.26 -12.45 -6.29
C LEU D 86 45.53 -11.67 -5.96
N LYS D 87 45.79 -10.60 -6.71
CA LYS D 87 46.84 -9.65 -6.38
C LYS D 87 46.55 -9.01 -5.03
N PRO D 88 47.57 -8.39 -4.38
CA PRO D 88 47.34 -7.87 -3.03
C PRO D 88 46.50 -6.60 -2.99
N ASP D 89 45.89 -6.23 -4.11
CA ASP D 89 45.07 -5.03 -4.19
C ASP D 89 43.58 -5.31 -4.36
N ASP D 90 43.17 -6.57 -4.47
CA ASP D 90 41.75 -6.89 -4.61
C ASP D 90 41.16 -7.48 -3.34
N THR D 91 41.80 -7.29 -2.18
CA THR D 91 41.20 -7.70 -0.92
C THR D 91 40.10 -6.73 -0.53
N ALA D 92 38.86 -7.22 -0.51
CA ALA D 92 37.72 -6.38 -0.20
C ALA D 92 36.51 -7.26 0.10
N VAL D 93 35.45 -6.62 0.57
CA VAL D 93 34.17 -7.29 0.75
C VAL D 93 33.55 -7.52 -0.62
N TYR D 94 32.88 -8.65 -0.80
CA TYR D 94 32.31 -9.02 -2.09
C TYR D 94 30.83 -9.30 -1.93
N TYR D 95 30.00 -8.53 -2.64
CA TYR D 95 28.56 -8.63 -2.57
C TYR D 95 28.00 -9.27 -3.83
N CYS D 96 26.92 -10.02 -3.66
CA CYS D 96 26.21 -10.66 -4.74
C CYS D 96 24.85 -10.00 -4.92
N ALA D 97 24.53 -9.61 -6.16
CA ALA D 97 23.31 -8.87 -6.44
C ALA D 97 22.49 -9.62 -7.49
N ALA D 98 21.18 -9.42 -7.44
CA ALA D 98 20.26 -10.10 -8.35
C ALA D 98 19.10 -9.18 -8.67
N ASP D 99 18.80 -9.01 -9.96
CA ASP D 99 17.67 -8.19 -10.38
C ASP D 99 16.86 -8.93 -11.43
N ARG D 100 15.55 -8.68 -11.44
CA ARG D 100 14.65 -9.40 -12.33
C ARG D 100 15.00 -9.15 -13.79
N GLY D 101 15.54 -7.98 -14.11
CA GLY D 101 15.81 -7.65 -15.49
C GLY D 101 17.28 -7.45 -15.81
N SER D 102 17.57 -7.09 -17.06
CA SER D 102 18.95 -6.93 -17.52
C SER D 102 19.16 -5.52 -18.00
N SER D 103 19.94 -4.74 -17.26
CA SER D 103 20.08 -3.32 -17.52
C SER D 103 21.19 -3.05 -18.53
N PHE D 104 21.05 -1.95 -19.26
CA PHE D 104 22.14 -1.48 -20.12
C PHE D 104 23.28 -0.92 -19.26
N TYR D 105 22.93 -0.27 -18.15
CA TYR D 105 23.92 0.16 -17.17
C TYR D 105 24.04 -0.93 -16.11
N TYR D 106 24.65 -2.05 -16.48
CA TYR D 106 24.88 -3.15 -15.56
C TYR D 106 25.96 -2.83 -14.54
N VAL D 107 26.73 -1.75 -14.75
CA VAL D 107 27.72 -1.32 -13.78
C VAL D 107 27.07 -0.68 -12.56
N ARG D 108 25.93 -0.03 -12.73
CA ARG D 108 25.29 0.72 -11.65
C ARG D 108 24.72 -0.22 -10.60
N GLU D 109 25.10 0.00 -9.34
CA GLU D 109 24.59 -0.82 -8.26
C GLU D 109 23.13 -0.54 -7.97
N SER D 110 22.62 0.62 -8.42
CA SER D 110 21.21 0.93 -8.25
C SER D 110 20.31 0.14 -9.18
N GLU D 111 20.89 -0.63 -10.12
CA GLU D 111 20.12 -1.43 -11.06
C GLU D 111 19.96 -2.87 -10.57
N TYR D 112 20.12 -3.12 -9.28
CA TYR D 112 19.95 -4.44 -8.69
C TYR D 112 19.09 -4.30 -7.44
N THR D 113 17.93 -4.94 -7.43
CA THR D 113 17.00 -4.78 -6.33
C THR D 113 17.44 -5.56 -5.09
N PHE D 114 17.75 -6.84 -5.27
CA PHE D 114 18.14 -7.70 -4.16
C PHE D 114 19.66 -7.71 -4.02
N TRP D 115 20.13 -7.73 -2.79
CA TRP D 115 21.55 -7.74 -2.49
C TRP D 115 21.85 -8.76 -1.40
N GLY D 116 23.03 -9.36 -1.48
CA GLY D 116 23.46 -10.35 -0.51
C GLY D 116 24.28 -9.74 0.60
N GLN D 117 24.79 -10.62 1.46
CA GLN D 117 25.62 -10.22 2.58
C GLN D 117 27.03 -9.90 2.08
N GLY D 118 27.96 -9.77 3.02
CA GLY D 118 29.34 -9.46 2.69
C GLY D 118 30.30 -10.62 2.87
N VAL D 121 31.37 -10.64 2.07
CA VAL D 121 32.41 -11.66 2.18
C VAL D 121 33.59 -11.05 2.94
N THR D 122 34.36 -11.91 3.60
CA THR D 122 35.50 -11.52 4.43
C THR D 122 36.44 -10.55 3.71
N VAL D 123 37.14 -9.71 4.46
CA VAL D 123 37.96 -8.68 3.86
C VAL D 123 39.37 -9.17 3.59
#